data_6HXT
#
_entry.id   6HXT
#
_cell.length_a   36.877
_cell.length_b   68.222
_cell.length_c   180.728
_cell.angle_alpha   90.00
_cell.angle_beta   90.00
_cell.angle_gamma   90.00
#
_symmetry.space_group_name_H-M   'P 2 21 21'
#
loop_
_entity.id
_entity.type
_entity.pdbx_description
1 polymer 'Coiled-coil domain-containing protein 61'
2 water water
#
_entity_poly.entity_id   1
_entity_poly.type   'polypeptide(L)'
_entity_poly.pdbx_seq_one_letter_code
;GS(MSE)DQPAGLQVDYVFRGVEHAVRV(MSE)VSGQVLELEVEDR(MSE)TADQWRGEFDAGFIEDLTHKTGNFKQFNI
FCH(MSE)LESALTQSSESVTLDLLTYTDLESLRNRK(MSE)GGRPGSLAPRSAQLNSKRYLILIYSVEFDRIHYPLPLP
YQGKP
;
_entity_poly.pdbx_strand_id   A,B,C
#
# COMPACT_ATOMS: atom_id res chain seq x y z
N GLY A 8 -9.82 -11.67 26.18
CA GLY A 8 -9.23 -10.98 25.05
C GLY A 8 -10.02 -11.15 23.76
N LEU A 9 -9.72 -10.31 22.77
CA LEU A 9 -10.39 -10.36 21.47
C LEU A 9 -9.38 -10.67 20.38
N GLN A 10 -9.77 -11.56 19.47
CA GLN A 10 -8.89 -12.00 18.39
C GLN A 10 -9.70 -12.10 17.11
N VAL A 11 -9.30 -11.36 16.09
CA VAL A 11 -10.02 -11.33 14.81
C VAL A 11 -8.99 -11.38 13.68
N ASP A 12 -9.42 -11.90 12.53
CA ASP A 12 -8.67 -11.81 11.30
C ASP A 12 -9.06 -10.53 10.56
N TYR A 13 -8.05 -9.77 10.14
CA TYR A 13 -8.28 -8.46 9.52
C TYR A 13 -7.34 -8.31 8.34
N VAL A 14 -7.88 -7.81 7.22
CA VAL A 14 -7.15 -7.72 5.96
C VAL A 14 -6.55 -6.32 5.82
N PHE A 15 -5.22 -6.25 5.73
CA PHE A 15 -4.50 -5.01 5.51
C PHE A 15 -3.81 -5.09 4.15
N ARG A 16 -4.27 -4.28 3.20
CA ARG A 16 -3.72 -4.25 1.85
C ARG A 16 -3.68 -5.64 1.22
N GLY A 17 -4.81 -6.35 1.33
CA GLY A 17 -4.96 -7.64 0.70
C GLY A 17 -4.53 -8.83 1.54
N VAL A 18 -3.75 -8.60 2.59
CA VAL A 18 -3.16 -9.67 3.38
C VAL A 18 -3.94 -9.82 4.68
N GLU A 19 -4.52 -11.00 4.90
CA GLU A 19 -5.21 -11.28 6.15
C GLU A 19 -4.21 -11.36 7.29
N HIS A 20 -4.44 -10.58 8.33
CA HIS A 20 -3.61 -10.59 9.52
C HIS A 20 -4.42 -11.07 10.72
N ALA A 21 -3.71 -11.62 11.71
CA ALA A 21 -4.31 -11.93 13.00
C ALA A 21 -4.04 -10.78 13.95
N VAL A 22 -5.11 -10.23 14.53
CA VAL A 22 -5.00 -9.10 15.45
C VAL A 22 -5.53 -9.53 16.82
N ARG A 23 -4.78 -9.20 17.86
CA ARG A 23 -5.16 -9.47 19.24
C ARG A 23 -5.12 -8.16 20.02
N VAL A 24 -6.21 -7.85 20.73
CA VAL A 24 -6.27 -6.69 21.60
C VAL A 24 -6.54 -7.15 23.03
N VAL A 26 -7.28 -5.25 26.77
CA VAL A 26 -7.51 -4.09 27.62
C VAL A 26 -7.66 -4.60 29.05
N SER A 27 -6.73 -4.20 29.91
CA SER A 27 -6.72 -4.63 31.31
C SER A 27 -6.44 -3.40 32.17
N GLY A 28 -7.42 -2.96 32.94
CA GLY A 28 -7.26 -1.74 33.71
C GLY A 28 -7.10 -0.54 32.79
N GLN A 29 -5.94 0.11 32.87
CA GLN A 29 -5.66 1.32 32.09
C GLN A 29 -4.53 1.12 31.09
N VAL A 30 -4.37 -0.09 30.56
CA VAL A 30 -3.31 -0.37 29.59
C VAL A 30 -3.91 -1.15 28.42
N LEU A 31 -3.50 -0.80 27.21
CA LEU A 31 -3.96 -1.44 25.99
C LEU A 31 -2.82 -2.19 25.33
N GLU A 32 -3.03 -3.48 25.09
CA GLU A 32 -2.07 -4.35 24.45
C GLU A 32 -2.59 -4.73 23.06
N LEU A 33 -1.70 -4.60 22.08
CA LEU A 33 -2.09 -4.88 20.68
C LEU A 33 -1.03 -5.75 19.99
N GLU A 34 -1.48 -6.72 19.21
CA GLU A 34 -0.60 -7.59 18.45
C GLU A 34 -1.15 -7.81 17.05
N VAL A 35 -0.31 -7.60 16.04
CA VAL A 35 -0.63 -7.90 14.65
C VAL A 35 0.35 -8.96 14.17
N GLU A 36 -0.17 -10.01 13.52
CA GLU A 36 0.66 -11.13 13.12
C GLU A 36 0.35 -11.57 11.70
N ASP A 37 1.39 -11.71 10.88
CA ASP A 37 1.28 -12.37 9.57
C ASP A 37 1.64 -13.84 9.79
N ARG A 38 0.62 -14.71 9.72
CA ARG A 38 0.83 -16.13 10.03
C ARG A 38 1.76 -16.82 9.04
N THR A 40 4.47 -15.72 7.50
CA THR A 40 5.87 -15.44 7.78
C THR A 40 6.19 -15.42 9.27
N ALA A 41 5.19 -15.59 10.13
CA ALA A 41 5.34 -15.53 11.59
C ALA A 41 5.81 -14.15 12.07
N ASP A 42 5.70 -13.14 11.22
CA ASP A 42 6.02 -11.79 11.65
C ASP A 42 5.00 -11.28 12.65
N GLN A 43 5.46 -10.66 13.72
CA GLN A 43 4.60 -10.09 14.74
C GLN A 43 5.02 -8.67 15.05
N TRP A 44 4.04 -7.78 15.20
CA TRP A 44 4.26 -6.42 15.66
C TRP A 44 3.39 -6.20 16.90
N ARG A 45 4.02 -5.78 17.99
CA ARG A 45 3.27 -5.66 19.25
C ARG A 45 3.51 -4.29 19.88
N GLY A 46 2.47 -3.72 20.47
CA GLY A 46 2.50 -2.44 21.13
C GLY A 46 1.79 -2.44 22.47
N GLU A 47 2.32 -1.68 23.44
CA GLU A 47 1.71 -1.52 24.76
C GLU A 47 1.50 -0.05 25.02
N PHE A 48 0.26 0.33 25.35
CA PHE A 48 -0.10 1.74 25.51
C PHE A 48 -0.95 1.90 26.76
N ASP A 49 -0.56 2.83 27.63
CA ASP A 49 -1.34 3.17 28.80
C ASP A 49 -2.28 4.34 28.50
N ALA A 50 -3.24 4.55 29.40
CA ALA A 50 -4.27 5.57 29.20
C ALA A 50 -3.66 6.95 28.98
N GLY A 51 -2.60 7.27 29.72
CA GLY A 51 -1.94 8.56 29.53
C GLY A 51 -1.40 8.74 28.13
N PHE A 52 -0.74 7.72 27.59
CA PHE A 52 -0.20 7.80 26.24
C PHE A 52 -1.31 7.99 25.20
N ILE A 53 -2.37 7.20 25.32
CA ILE A 53 -3.47 7.27 24.35
C ILE A 53 -4.08 8.66 24.33
N GLU A 54 -4.27 9.26 25.51
CA GLU A 54 -4.92 10.56 25.57
C GLU A 54 -4.02 11.67 25.03
N ASP A 55 -2.71 11.58 25.30
CA ASP A 55 -1.76 12.47 24.62
C ASP A 55 -1.85 12.32 23.12
N LEU A 56 -2.00 11.09 22.63
CA LEU A 56 -2.09 10.84 21.20
C LEU A 56 -3.34 11.47 20.61
N THR A 57 -4.51 11.16 21.17
CA THR A 57 -5.76 11.69 20.63
C THR A 57 -5.83 13.20 20.74
N HIS A 58 -5.28 13.76 21.83
CA HIS A 58 -5.29 15.21 21.99
C HIS A 58 -4.46 15.88 20.89
N LYS A 59 -3.34 15.24 20.49
CA LYS A 59 -2.45 15.83 19.49
C LYS A 59 -3.12 15.92 18.12
N THR A 60 -4.08 15.05 17.83
CA THR A 60 -4.82 15.13 16.58
C THR A 60 -5.85 16.26 16.56
N GLY A 61 -6.05 16.95 17.69
CA GLY A 61 -7.10 17.94 17.78
C GLY A 61 -8.48 17.38 17.95
N ASN A 62 -8.61 16.06 18.12
CA ASN A 62 -9.90 15.37 18.26
C ASN A 62 -9.78 14.41 19.44
N PHE A 63 -9.84 14.96 20.65
CA PHE A 63 -9.53 14.21 21.86
C PHE A 63 -10.53 13.08 22.09
N LYS A 64 -10.03 11.99 22.68
CA LYS A 64 -10.84 10.85 23.09
C LYS A 64 -10.34 10.32 24.42
N GLN A 65 -11.27 9.99 25.31
CA GLN A 65 -10.92 9.30 26.54
C GLN A 65 -10.37 7.92 26.22
N PHE A 66 -9.49 7.42 27.09
CA PHE A 66 -8.85 6.12 26.85
C PHE A 66 -9.87 5.01 26.66
N ASN A 67 -10.90 4.97 27.51
CA ASN A 67 -11.89 3.91 27.39
C ASN A 67 -12.71 4.06 26.11
N ILE A 68 -12.96 5.30 25.67
CA ILE A 68 -13.67 5.52 24.42
C ILE A 68 -12.80 5.09 23.24
N PHE A 69 -11.52 5.45 23.27
CA PHE A 69 -10.59 5.05 22.20
C PHE A 69 -10.55 3.54 22.06
N CYS A 70 -10.46 2.82 23.18
CA CYS A 70 -10.41 1.37 23.15
C CYS A 70 -11.69 0.79 22.54
N HIS A 71 -12.85 1.37 22.84
CA HIS A 71 -14.09 0.89 22.24
C HIS A 71 -14.12 1.13 20.74
N LEU A 73 -11.57 1.28 18.86
CA LEU A 73 -10.63 0.30 18.34
C LEU A 73 -11.28 -1.06 18.17
N GLU A 74 -12.06 -1.49 19.16
CA GLU A 74 -12.74 -2.78 19.05
C GLU A 74 -13.83 -2.74 17.99
N SER A 75 -14.57 -1.63 17.88
CA SER A 75 -15.62 -1.52 16.88
C SER A 75 -15.04 -1.58 15.48
N ALA A 76 -13.88 -0.96 15.25
CA ALA A 76 -13.21 -1.08 13.96
C ALA A 76 -12.79 -2.52 13.69
N LEU A 77 -12.29 -3.22 14.71
CA LEU A 77 -11.81 -4.58 14.53
C LEU A 77 -12.94 -5.54 14.19
N THR A 78 -14.07 -5.43 14.90
CA THR A 78 -15.23 -6.27 14.63
C THR A 78 -16.10 -5.72 13.52
N GLN A 79 -15.76 -4.55 12.97
CA GLN A 79 -16.48 -3.95 11.85
C GLN A 79 -17.96 -3.73 12.18
N SER A 80 -18.22 -3.31 13.42
CA SER A 80 -19.58 -3.11 13.90
C SER A 80 -19.95 -1.64 14.01
N SER A 81 -19.18 -0.74 13.39
CA SER A 81 -19.41 0.69 13.46
C SER A 81 -19.05 1.34 12.14
N GLU A 82 -19.87 2.30 11.72
CA GLU A 82 -19.75 2.88 10.38
C GLU A 82 -18.76 4.02 10.29
N SER A 83 -18.22 4.51 11.41
CA SER A 83 -17.35 5.68 11.38
C SER A 83 -15.88 5.36 11.64
N VAL A 84 -15.56 4.16 12.10
CA VAL A 84 -14.20 3.80 12.47
C VAL A 84 -13.74 2.64 11.58
N THR A 85 -12.48 2.73 11.11
CA THR A 85 -11.90 1.70 10.26
C THR A 85 -10.42 1.60 10.57
N LEU A 86 -9.76 0.58 10.02
CA LEU A 86 -8.35 0.33 10.30
C LEU A 86 -7.53 0.30 9.02
N ASP A 87 -6.25 0.67 9.17
CA ASP A 87 -5.24 0.46 8.16
C ASP A 87 -3.91 0.19 8.86
N LEU A 88 -2.99 -0.45 8.14
CA LEU A 88 -1.69 -0.81 8.66
C LEU A 88 -0.64 -0.22 7.73
N LEU A 89 0.16 0.70 8.24
CA LEU A 89 1.13 1.43 7.44
C LEU A 89 2.53 0.93 7.76
N THR A 90 3.37 0.89 6.74
CA THR A 90 4.79 0.62 6.89
C THR A 90 5.55 1.92 7.09
N TYR A 91 6.87 1.82 7.19
CA TYR A 91 7.69 3.02 7.34
C TYR A 91 7.79 3.80 6.04
N THR A 92 7.55 3.15 4.90
CA THR A 92 7.50 3.86 3.64
C THR A 92 6.32 4.83 3.58
N ASP A 93 5.16 4.40 4.08
CA ASP A 93 3.96 5.23 4.01
C ASP A 93 4.08 6.47 4.88
N LEU A 94 4.80 6.39 6.00
CA LEU A 94 4.86 7.52 6.92
C LEU A 94 5.85 8.58 6.46
N GLU A 95 7.04 8.17 6.00
CA GLU A 95 8.00 9.15 5.52
C GLU A 95 7.51 9.85 4.25
N SER A 96 6.67 9.18 3.46
CA SER A 96 6.02 9.86 2.35
C SER A 96 4.96 10.83 2.85
N LEU A 97 4.25 10.46 3.91
CA LEU A 97 3.29 11.36 4.54
C LEU A 97 3.97 12.51 5.28
N ARG A 98 5.29 12.46 5.46
CA ARG A 98 6.00 13.52 6.17
C ARG A 98 7.22 13.99 5.39
N LEU A 116 16.76 -1.01 10.68
CA LEU A 116 15.57 -1.81 10.96
C LEU A 116 14.50 -1.58 9.89
N ASN A 117 13.73 -0.50 10.07
CA ASN A 117 12.66 -0.12 9.14
C ASN A 117 11.60 -1.21 9.01
N SER A 118 11.45 -2.06 10.03
CA SER A 118 10.45 -3.12 10.04
C SER A 118 9.20 -2.75 10.82
N LYS A 119 9.14 -1.55 11.39
CA LYS A 119 8.02 -1.18 12.24
C LYS A 119 6.74 -1.02 11.42
N ARG A 120 5.61 -1.27 12.06
CA ARG A 120 4.29 -0.99 11.49
C ARG A 120 3.54 0.00 12.35
N TYR A 121 2.58 0.68 11.74
CA TYR A 121 1.76 1.68 12.42
C TYR A 121 0.30 1.34 12.16
N LEU A 122 -0.42 0.89 13.19
CA LEU A 122 -1.86 0.66 13.05
C LEU A 122 -2.58 2.00 13.15
N ILE A 123 -3.31 2.35 12.09
CA ILE A 123 -4.03 3.62 12.02
C ILE A 123 -5.50 3.36 12.28
N LEU A 124 -6.03 3.99 13.33
CA LEU A 124 -7.48 4.03 13.56
C LEU A 124 -8.03 5.28 12.87
N ILE A 125 -8.86 5.07 11.86
CA ILE A 125 -9.36 6.15 11.01
C ILE A 125 -10.79 6.45 11.43
N TYR A 126 -11.02 7.65 11.94
CA TYR A 126 -12.30 8.10 12.46
C TYR A 126 -12.90 9.05 11.43
N SER A 127 -13.97 8.62 10.76
CA SER A 127 -14.58 9.37 9.67
C SER A 127 -16.02 9.70 10.03
N VAL A 128 -16.27 10.99 10.28
CA VAL A 128 -17.60 11.52 10.55
C VAL A 128 -17.84 12.70 9.62
N GLU A 129 -19.00 13.34 9.78
CA GLU A 129 -19.48 14.29 8.79
C GLU A 129 -18.52 15.46 8.60
N PHE A 130 -17.97 15.99 9.70
CA PHE A 130 -17.07 17.15 9.61
C PHE A 130 -15.67 16.85 10.13
N ASP A 131 -15.27 15.58 10.17
CA ASP A 131 -13.93 15.23 10.62
C ASP A 131 -13.47 13.97 9.91
N ARG A 132 -12.17 13.92 9.63
CA ARG A 132 -11.48 12.66 9.31
C ARG A 132 -10.17 12.69 10.09
N ILE A 133 -10.07 11.83 11.09
CA ILE A 133 -8.95 11.84 12.02
C ILE A 133 -8.21 10.51 11.92
N HIS A 134 -6.88 10.57 11.98
CA HIS A 134 -6.04 9.39 11.94
C HIS A 134 -5.32 9.26 13.28
N TYR A 135 -5.61 8.19 14.01
CA TYR A 135 -4.95 7.93 15.28
C TYR A 135 -3.87 6.88 15.07
N PRO A 136 -2.59 7.25 15.08
CA PRO A 136 -1.53 6.27 14.79
C PRO A 136 -0.99 5.55 16.02
N LEU A 137 -0.98 4.22 15.99
CA LEU A 137 -0.41 3.41 17.05
C LEU A 137 0.83 2.70 16.56
N PRO A 138 2.02 3.02 17.10
CA PRO A 138 3.25 2.38 16.62
C PRO A 138 3.42 0.99 17.21
N LEU A 139 3.70 0.01 16.34
CA LEU A 139 3.91 -1.37 16.75
C LEU A 139 5.31 -1.82 16.38
N PRO A 140 6.26 -1.84 17.33
CA PRO A 140 7.60 -2.35 17.01
C PRO A 140 7.57 -3.80 16.54
N TYR A 141 8.51 -4.12 15.65
CA TYR A 141 8.63 -5.48 15.14
C TYR A 141 9.16 -6.41 16.23
N GLN A 142 8.66 -7.64 16.26
CA GLN A 142 9.07 -8.62 17.25
C GLN A 142 10.04 -9.64 16.66
N PRO B 6 -5.33 25.24 -22.69
CA PRO B 6 -6.11 24.01 -22.51
C PRO B 6 -7.37 24.23 -21.68
N ALA B 7 -8.35 23.36 -21.83
CA ALA B 7 -9.60 23.46 -21.07
C ALA B 7 -9.40 22.82 -19.70
N GLY B 8 -9.32 23.65 -18.67
CA GLY B 8 -9.26 23.13 -17.32
C GLY B 8 -10.56 22.45 -16.93
N LEU B 9 -10.50 21.70 -15.84
CA LEU B 9 -11.64 20.97 -15.32
C LEU B 9 -11.95 21.52 -13.93
N GLN B 10 -13.24 21.73 -13.65
CA GLN B 10 -13.67 22.39 -12.42
C GLN B 10 -14.88 21.64 -11.86
N VAL B 11 -14.76 21.18 -10.61
CA VAL B 11 -15.79 20.38 -9.96
C VAL B 11 -15.99 20.88 -8.54
N ASP B 12 -17.20 20.67 -8.02
CA ASP B 12 -17.47 20.84 -6.60
C ASP B 12 -17.17 19.52 -5.89
N TYR B 13 -16.39 19.59 -4.82
CA TYR B 13 -15.95 18.38 -4.13
C TYR B 13 -16.04 18.61 -2.63
N VAL B 14 -16.56 17.60 -1.93
CA VAL B 14 -16.85 17.70 -0.52
C VAL B 14 -15.66 17.17 0.28
N PHE B 15 -15.07 18.04 1.11
CA PHE B 15 -13.98 17.68 1.99
C PHE B 15 -14.47 17.86 3.43
N ARG B 16 -14.64 16.74 4.13
CA ARG B 16 -15.06 16.73 5.52
C ARG B 16 -16.33 17.56 5.74
N GLY B 17 -17.32 17.33 4.87
CA GLY B 17 -18.62 17.95 4.99
C GLY B 17 -18.77 19.26 4.27
N VAL B 18 -17.66 19.90 3.90
CA VAL B 18 -17.68 21.24 3.31
C VAL B 18 -17.47 21.10 1.80
N GLU B 19 -18.45 21.54 1.02
CA GLU B 19 -18.31 21.53 -0.43
C GLU B 19 -17.30 22.59 -0.84
N HIS B 20 -16.29 22.18 -1.60
CA HIS B 20 -15.27 23.09 -2.08
C HIS B 20 -15.34 23.20 -3.60
N ALA B 21 -14.83 24.31 -4.12
CA ALA B 21 -14.60 24.45 -5.55
C ALA B 21 -13.15 24.10 -5.83
N VAL B 22 -12.93 23.13 -6.71
CA VAL B 22 -11.61 22.65 -7.08
C VAL B 22 -11.37 22.92 -8.55
N ARG B 23 -10.22 23.48 -8.89
CA ARG B 23 -9.83 23.74 -10.26
C ARG B 23 -8.52 23.03 -10.56
N VAL B 24 -8.50 22.24 -11.63
CA VAL B 24 -7.30 21.56 -12.08
C VAL B 24 -6.99 22.01 -13.51
N VAL B 26 -3.79 21.33 -16.41
CA VAL B 26 -2.54 20.70 -16.83
C VAL B 26 -2.22 21.17 -18.24
N SER B 27 -1.09 21.86 -18.38
CA SER B 27 -0.67 22.42 -19.66
C SER B 27 0.82 22.13 -19.83
N GLY B 28 1.15 21.32 -20.83
CA GLY B 28 2.53 20.90 -21.03
C GLY B 28 3.03 20.04 -19.88
N GLN B 29 4.03 20.54 -19.16
CA GLN B 29 4.65 19.81 -18.07
C GLN B 29 4.42 20.48 -16.71
N VAL B 30 3.30 21.17 -16.54
CA VAL B 30 2.96 21.85 -15.30
C VAL B 30 1.52 21.50 -14.93
N LEU B 31 1.30 21.22 -13.66
CA LEU B 31 -0.04 20.93 -13.13
C LEU B 31 -0.42 22.02 -12.16
N GLU B 32 -1.56 22.68 -12.40
CA GLU B 32 -2.06 23.72 -11.52
C GLU B 32 -3.33 23.24 -10.81
N LEU B 33 -3.39 23.48 -9.51
CA LEU B 33 -4.44 22.95 -8.66
C LEU B 33 -4.89 24.02 -7.69
N GLU B 34 -6.20 24.26 -7.63
CA GLU B 34 -6.78 25.26 -6.75
C GLU B 34 -8.00 24.70 -6.04
N VAL B 35 -8.05 24.85 -4.71
CA VAL B 35 -9.23 24.53 -3.92
C VAL B 35 -9.74 25.82 -3.28
N GLU B 36 -11.05 26.04 -3.37
CA GLU B 36 -11.64 27.29 -2.89
C GLU B 36 -12.88 27.02 -2.07
N ASP B 37 -12.94 27.62 -0.88
CA ASP B 37 -14.16 27.68 -0.08
C ASP B 37 -14.86 28.98 -0.45
N ARG B 38 -15.98 28.87 -1.18
CA ARG B 38 -16.66 30.06 -1.69
C ARG B 38 -17.21 30.92 -0.56
N THR B 40 -16.15 31.61 2.54
CA THR B 40 -15.16 32.46 3.20
C THR B 40 -14.15 33.06 2.23
N ALA B 41 -14.24 32.70 0.94
CA ALA B 41 -13.32 33.15 -0.11
C ALA B 41 -11.89 32.69 0.15
N ASP B 42 -11.70 31.72 1.03
CA ASP B 42 -10.36 31.16 1.23
C ASP B 42 -9.97 30.35 0.00
N GLN B 43 -8.74 30.55 -0.46
CA GLN B 43 -8.23 29.82 -1.62
C GLN B 43 -6.86 29.27 -1.31
N TRP B 44 -6.62 28.02 -1.70
CA TRP B 44 -5.32 27.37 -1.61
C TRP B 44 -4.91 26.93 -3.01
N ARG B 45 -3.67 27.20 -3.38
CA ARG B 45 -3.21 26.99 -4.75
C ARG B 45 -1.86 26.29 -4.75
N GLY B 46 -1.71 25.29 -5.60
CA GLY B 46 -0.44 24.63 -5.79
C GLY B 46 -0.08 24.53 -7.24
N GLU B 47 1.22 24.71 -7.54
CA GLU B 47 1.78 24.56 -8.88
C GLU B 47 2.92 23.56 -8.80
N PHE B 48 2.87 22.54 -9.64
CA PHE B 48 3.80 21.42 -9.57
C PHE B 48 4.32 21.09 -10.96
N ASP B 49 5.64 20.90 -11.08
CA ASP B 49 6.23 20.48 -12.33
C ASP B 49 6.25 18.95 -12.40
N ALA B 50 6.36 18.44 -13.63
CA ALA B 50 6.29 16.99 -13.85
C ALA B 50 7.38 16.26 -13.08
N GLY B 51 8.60 16.82 -13.04
CA GLY B 51 9.67 16.21 -12.28
C GLY B 51 9.34 16.07 -10.81
N PHE B 52 8.78 17.12 -10.22
CA PHE B 52 8.40 17.08 -8.81
C PHE B 52 7.33 16.01 -8.58
N ILE B 53 6.31 15.97 -9.44
CA ILE B 53 5.21 15.01 -9.26
C ILE B 53 5.73 13.58 -9.30
N GLU B 54 6.62 13.28 -10.27
CA GLU B 54 7.13 11.92 -10.39
C GLU B 54 8.07 11.57 -9.25
N ASP B 55 8.90 12.53 -8.82
CA ASP B 55 9.70 12.32 -7.60
C ASP B 55 8.79 12.04 -6.41
N LEU B 56 7.65 12.71 -6.34
CA LEU B 56 6.71 12.49 -5.24
C LEU B 56 6.21 11.06 -5.23
N THR B 57 5.74 10.57 -6.38
CA THR B 57 5.25 9.20 -6.46
C THR B 57 6.35 8.20 -6.13
N HIS B 58 7.60 8.50 -6.50
CA HIS B 58 8.71 7.63 -6.16
C HIS B 58 8.89 7.51 -4.65
N LYS B 59 8.70 8.61 -3.92
CA LYS B 59 8.90 8.59 -2.48
C LYS B 59 7.89 7.71 -1.77
N THR B 60 6.69 7.56 -2.35
CA THR B 60 5.69 6.66 -1.79
C THR B 60 5.97 5.20 -2.11
N GLY B 61 6.96 4.91 -2.95
CA GLY B 61 7.22 3.55 -3.37
C GLY B 61 6.29 3.01 -4.41
N ASN B 62 5.39 3.83 -4.96
CA ASN B 62 4.40 3.41 -5.94
C ASN B 62 4.42 4.43 -7.09
N PHE B 63 5.41 4.29 -7.97
CA PHE B 63 5.68 5.32 -8.98
C PHE B 63 4.50 5.46 -9.93
N LYS B 64 4.31 6.70 -10.41
CA LYS B 64 3.31 7.02 -11.42
C LYS B 64 3.91 8.04 -12.37
N GLN B 65 3.72 7.84 -13.68
CA GLN B 65 4.09 8.85 -14.65
C GLN B 65 3.22 10.09 -14.47
N PHE B 66 3.77 11.24 -14.88
CA PHE B 66 3.08 12.51 -14.70
C PHE B 66 1.69 12.48 -15.33
N ASN B 67 1.59 11.95 -16.56
CA ASN B 67 0.31 11.89 -17.23
C ASN B 67 -0.63 10.90 -16.55
N ILE B 68 -0.08 9.82 -16.00
CA ILE B 68 -0.92 8.85 -15.30
C ILE B 68 -1.45 9.45 -14.00
N PHE B 69 -0.59 10.14 -13.25
CA PHE B 69 -1.01 10.79 -12.01
C PHE B 69 -2.15 11.78 -12.26
N CYS B 70 -2.01 12.62 -13.29
CA CYS B 70 -3.04 13.61 -13.59
C CYS B 70 -4.38 12.95 -13.91
N HIS B 71 -4.36 11.84 -14.65
CA HIS B 71 -5.61 11.16 -14.97
C HIS B 71 -6.25 10.57 -13.71
N LEU B 73 -5.89 11.93 -10.80
CA LEU B 73 -6.38 13.11 -10.10
C LEU B 73 -7.73 13.56 -10.64
N GLU B 74 -7.88 13.58 -11.97
CA GLU B 74 -9.15 13.96 -12.56
C GLU B 74 -10.24 12.93 -12.28
N SER B 75 -9.88 11.64 -12.30
CA SER B 75 -10.86 10.59 -12.03
C SER B 75 -11.42 10.69 -10.62
N ALA B 76 -10.57 11.07 -9.65
CA ALA B 76 -11.06 11.29 -8.29
C ALA B 76 -12.05 12.44 -8.25
N LEU B 77 -11.76 13.53 -8.95
CA LEU B 77 -12.61 14.70 -8.89
C LEU B 77 -13.97 14.41 -9.51
N THR B 78 -13.99 13.72 -10.64
CA THR B 78 -15.25 13.33 -11.28
C THR B 78 -15.83 12.05 -10.70
N GLN B 79 -15.12 11.41 -9.76
CA GLN B 79 -15.62 10.20 -9.09
C GLN B 79 -15.94 9.10 -10.08
N SER B 80 -15.08 8.94 -11.10
CA SER B 80 -15.30 7.98 -12.16
C SER B 80 -14.42 6.75 -12.04
N SER B 81 -13.79 6.53 -10.88
CA SER B 81 -12.93 5.38 -10.69
C SER B 81 -13.04 4.92 -9.25
N GLU B 82 -13.08 3.60 -9.06
CA GLU B 82 -13.34 3.02 -7.75
C GLU B 82 -12.11 2.90 -6.87
N SER B 83 -10.91 3.15 -7.41
CA SER B 83 -9.68 2.95 -6.66
C SER B 83 -9.00 4.24 -6.23
N VAL B 84 -9.60 5.40 -6.54
CA VAL B 84 -8.96 6.69 -6.32
CA VAL B 84 -8.95 6.69 -6.30
C VAL B 84 -9.96 7.63 -5.66
N THR B 85 -9.50 8.28 -4.60
CA THR B 85 -10.35 9.15 -3.76
C THR B 85 -9.51 10.32 -3.25
N LEU B 86 -10.16 11.37 -2.77
CA LEU B 86 -9.49 12.58 -2.34
C LEU B 86 -9.77 12.88 -0.87
N ASP B 87 -8.82 13.57 -0.23
CA ASP B 87 -9.03 14.17 1.07
C ASP B 87 -8.21 15.46 1.15
N LEU B 88 -8.57 16.32 2.09
CA LEU B 88 -7.93 17.62 2.26
C LEU B 88 -7.43 17.71 3.70
N LEU B 89 -6.12 17.86 3.85
CA LEU B 89 -5.49 17.83 5.16
C LEU B 89 -5.12 19.24 5.59
N THR B 90 -5.28 19.52 6.87
CA THR B 90 -4.82 20.77 7.47
C THR B 90 -3.41 20.62 8.05
N TYR B 91 -2.90 21.71 8.61
CA TYR B 91 -1.64 21.66 9.34
C TYR B 91 -1.74 20.81 10.58
N THR B 92 -2.93 20.74 11.19
CA THR B 92 -3.12 19.95 12.41
C THR B 92 -2.95 18.47 12.14
N ASP B 93 -3.47 17.98 11.00
CA ASP B 93 -3.46 16.55 10.75
C ASP B 93 -2.05 16.00 10.55
N LEU B 94 -1.16 16.78 9.93
CA LEU B 94 0.18 16.27 9.68
C LEU B 94 1.11 16.45 10.87
N GLU B 95 0.82 17.40 11.76
CA GLU B 95 1.60 17.50 13.00
C GLU B 95 1.28 16.35 13.94
N SER B 96 0.08 15.78 13.85
CA SER B 96 -0.21 14.55 14.58
C SER B 96 0.59 13.38 14.00
N LEU B 97 0.73 13.34 12.68
CA LEU B 97 1.59 12.35 12.05
C LEU B 97 3.07 12.65 12.32
N ARG B 98 3.43 13.93 12.42
CA ARG B 98 4.82 14.30 12.65
C ARG B 98 5.27 14.04 14.09
N ASN B 99 4.34 14.13 15.05
CA ASN B 99 4.64 13.91 16.46
C ASN B 99 5.76 14.81 16.96
N ASN B 117 -0.05 27.03 10.92
CA ASN B 117 0.06 27.31 9.49
C ASN B 117 -1.30 27.29 8.81
N SER B 118 -1.40 27.98 7.69
CA SER B 118 -2.62 28.04 6.89
C SER B 118 -2.61 27.09 5.70
N LYS B 119 -1.52 26.34 5.49
CA LYS B 119 -1.40 25.51 4.31
C LYS B 119 -2.36 24.33 4.36
N ARG B 120 -2.77 23.87 3.18
CA ARG B 120 -3.53 22.65 3.00
C ARG B 120 -2.73 21.65 2.17
N TYR B 121 -3.09 20.37 2.33
CA TYR B 121 -2.45 19.28 1.61
C TYR B 121 -3.53 18.42 0.97
N LEU B 122 -3.63 18.45 -0.36
CA LEU B 122 -4.55 17.57 -1.06
C LEU B 122 -3.96 16.17 -1.17
N ILE B 123 -4.68 15.18 -0.65
CA ILE B 123 -4.23 13.79 -0.63
C ILE B 123 -4.93 13.03 -1.73
N LEU B 124 -4.16 12.46 -2.66
CA LEU B 124 -4.67 11.51 -3.63
C LEU B 124 -4.52 10.11 -3.04
N ILE B 125 -5.65 9.44 -2.77
CA ILE B 125 -5.66 8.15 -2.09
C ILE B 125 -5.91 7.06 -3.13
N TYR B 126 -4.90 6.21 -3.34
CA TYR B 126 -4.92 5.13 -4.32
C TYR B 126 -5.05 3.81 -3.58
N SER B 127 -6.20 3.15 -3.72
CA SER B 127 -6.51 1.91 -2.99
C SER B 127 -6.75 0.78 -3.99
N VAL B 128 -5.84 -0.18 -4.04
CA VAL B 128 -5.97 -1.38 -4.84
C VAL B 128 -5.76 -2.60 -3.94
N GLU B 129 -5.78 -3.78 -4.56
CA GLU B 129 -5.85 -5.02 -3.78
C GLU B 129 -4.68 -5.17 -2.83
N PHE B 130 -3.47 -4.83 -3.29
CA PHE B 130 -2.28 -4.99 -2.46
C PHE B 130 -1.55 -3.67 -2.21
N ASP B 131 -2.24 -2.53 -2.34
CA ASP B 131 -1.61 -1.25 -2.07
C ASP B 131 -2.64 -0.26 -1.55
N ARG B 132 -2.20 0.59 -0.63
CA ARG B 132 -2.92 1.81 -0.27
C ARG B 132 -1.90 2.94 -0.20
N ILE B 133 -1.97 3.87 -1.14
CA ILE B 133 -0.96 4.91 -1.29
C ILE B 133 -1.62 6.27 -1.10
N HIS B 134 -0.92 7.17 -0.42
CA HIS B 134 -1.35 8.54 -0.21
C HIS B 134 -0.38 9.47 -0.92
N TYR B 135 -0.87 10.19 -1.93
CA TYR B 135 -0.06 11.16 -2.65
C TYR B 135 -0.36 12.56 -2.14
N PRO B 136 0.55 13.19 -1.38
CA PRO B 136 0.24 14.51 -0.81
C PRO B 136 0.69 15.66 -1.71
N LEU B 137 -0.23 16.56 -2.03
CA LEU B 137 0.09 17.77 -2.81
C LEU B 137 -0.08 18.99 -1.92
N PRO B 138 0.99 19.74 -1.63
CA PRO B 138 0.87 20.90 -0.74
C PRO B 138 0.30 22.11 -1.46
N LEU B 139 -0.72 22.72 -0.87
CA LEU B 139 -1.37 23.90 -1.45
C LEU B 139 -1.23 25.08 -0.49
N PRO B 140 -0.27 25.98 -0.72
CA PRO B 140 -0.17 27.18 0.11
C PRO B 140 -1.42 28.04 0.07
N TYR B 141 -1.69 28.71 1.19
CA TYR B 141 -2.81 29.63 1.29
C TYR B 141 -2.57 30.84 0.41
N GLN B 142 -3.48 31.09 -0.52
CA GLN B 142 -3.34 32.16 -1.52
C GLN B 142 -2.07 31.99 -2.34
N PRO C 6 8.13 -25.30 7.92
CA PRO C 6 7.96 -26.64 7.35
C PRO C 6 6.68 -26.76 6.52
N ALA C 7 5.81 -25.76 6.59
CA ALA C 7 4.51 -25.79 5.92
C ALA C 7 4.67 -25.17 4.53
N GLY C 8 4.96 -26.02 3.55
CA GLY C 8 5.11 -25.57 2.18
C GLY C 8 3.84 -25.79 1.36
N LEU C 9 3.80 -25.13 0.20
CA LEU C 9 2.67 -25.21 -0.71
C LEU C 9 3.12 -25.77 -2.06
N GLN C 10 2.31 -26.65 -2.63
CA GLN C 10 2.62 -27.30 -3.89
C GLN C 10 1.36 -27.30 -4.76
N VAL C 11 1.47 -26.72 -5.96
CA VAL C 11 0.34 -26.59 -6.87
C VAL C 11 0.80 -26.98 -8.27
N ASP C 12 -0.14 -27.51 -9.05
CA ASP C 12 0.07 -27.70 -10.48
C ASP C 12 -0.38 -26.45 -11.23
N TYR C 13 0.49 -25.92 -12.08
CA TYR C 13 0.22 -24.68 -12.78
C TYR C 13 0.68 -24.77 -14.22
N VAL C 14 -0.15 -24.30 -15.13
CA VAL C 14 0.07 -24.41 -16.57
C VAL C 14 0.72 -23.12 -17.05
N PHE C 15 1.92 -23.23 -17.62
CA PHE C 15 2.63 -22.09 -18.18
C PHE C 15 2.72 -22.25 -19.69
N ARG C 16 1.99 -21.39 -20.42
CA ARG C 16 1.98 -21.41 -21.88
C ARG C 16 1.70 -22.80 -22.43
N GLY C 17 0.68 -23.46 -21.87
CA GLY C 17 0.26 -24.75 -22.33
C GLY C 17 0.93 -25.94 -21.67
N VAL C 18 2.07 -25.71 -21.00
CA VAL C 18 2.85 -26.78 -20.40
C VAL C 18 2.57 -26.78 -18.91
N GLU C 19 1.96 -27.86 -18.41
CA GLU C 19 1.66 -27.97 -16.99
C GLU C 19 2.92 -28.19 -16.18
N HIS C 20 3.15 -27.31 -15.20
CA HIS C 20 4.29 -27.42 -14.30
C HIS C 20 3.81 -27.65 -12.87
N ALA C 21 4.69 -28.25 -12.07
CA ALA C 21 4.54 -28.32 -10.63
C ALA C 21 5.36 -27.21 -9.99
N VAL C 22 4.70 -26.39 -9.17
CA VAL C 22 5.36 -25.27 -8.49
C VAL C 22 5.29 -25.50 -6.99
N ARG C 23 6.42 -25.34 -6.31
CA ARG C 23 6.50 -25.47 -4.86
C ARG C 23 7.08 -24.18 -4.28
N VAL C 24 6.35 -23.63 -3.31
CA VAL C 24 6.77 -22.39 -2.60
C VAL C 24 6.86 -22.72 -1.13
N VAL C 26 7.80 -20.67 2.61
CA VAL C 26 8.27 -19.42 3.27
C VAL C 26 8.74 -19.82 4.66
N SER C 27 9.99 -19.51 4.99
CA SER C 27 10.53 -19.86 6.31
C SER C 27 11.34 -18.67 6.81
N GLY C 28 10.84 -18.04 7.86
CA GLY C 28 11.49 -16.84 8.38
C GLY C 28 11.47 -15.72 7.36
N GLN C 29 12.65 -15.31 6.92
CA GLN C 29 12.80 -14.21 5.97
C GLN C 29 13.41 -14.69 4.65
N VAL C 30 13.13 -15.94 4.28
CA VAL C 30 13.63 -16.51 3.04
C VAL C 30 12.48 -17.21 2.33
N LEU C 31 12.43 -17.01 1.02
CA LEU C 31 11.39 -17.61 0.16
C LEU C 31 12.09 -18.60 -0.77
N GLU C 32 11.64 -19.85 -0.74
CA GLU C 32 12.21 -20.88 -1.61
C GLU C 32 11.19 -21.26 -2.67
N LEU C 33 11.65 -21.38 -3.90
CA LEU C 33 10.77 -21.56 -5.04
C LEU C 33 11.33 -22.60 -5.99
N GLU C 34 10.49 -23.56 -6.38
CA GLU C 34 10.88 -24.62 -7.29
C GLU C 34 9.83 -24.77 -8.37
N VAL C 35 10.28 -24.79 -9.62
CA VAL C 35 9.43 -25.06 -10.77
C VAL C 35 9.91 -26.36 -11.42
N GLU C 36 8.96 -27.24 -11.74
CA GLU C 36 9.27 -28.56 -12.28
C GLU C 36 8.39 -28.82 -13.49
N ASP C 37 9.02 -29.25 -14.59
CA ASP C 37 8.30 -29.73 -15.76
C ASP C 37 8.14 -31.24 -15.59
N ARG C 38 6.92 -31.69 -15.32
CA ARG C 38 6.69 -33.11 -15.05
C ARG C 38 6.98 -33.96 -16.27
N THR C 40 9.22 -33.47 -18.63
CA THR C 40 10.64 -33.52 -18.97
C THR C 40 11.55 -33.68 -17.76
N ALA C 41 11.01 -33.67 -16.54
CA ALA C 41 11.75 -33.74 -15.29
C ALA C 41 12.72 -32.57 -15.10
N ASP C 42 12.57 -31.49 -15.88
CA ASP C 42 13.38 -30.30 -15.69
C ASP C 42 12.96 -29.56 -14.42
N GLN C 43 13.94 -29.10 -13.66
CA GLN C 43 13.68 -28.36 -12.43
C GLN C 43 14.49 -27.08 -12.36
N TRP C 44 13.83 -26.00 -11.92
CA TRP C 44 14.47 -24.73 -11.62
C TRP C 44 14.15 -24.35 -10.18
N ARG C 45 15.13 -23.80 -9.48
CA ARG C 45 14.99 -23.51 -8.06
C ARG C 45 15.62 -22.17 -7.72
N GLY C 46 14.96 -21.40 -6.85
CA GLY C 46 15.48 -20.12 -6.42
C GLY C 46 15.24 -19.89 -4.94
N GLU C 47 16.19 -19.22 -4.31
CA GLU C 47 16.12 -18.83 -2.91
C GLU C 47 16.28 -17.33 -2.78
N PHE C 48 15.34 -16.67 -2.10
CA PHE C 48 15.32 -15.22 -2.02
C PHE C 48 15.05 -14.80 -0.59
N ASP C 49 15.88 -13.92 -0.06
CA ASP C 49 15.69 -13.32 1.26
C ASP C 49 14.93 -12.00 1.13
N ALA C 50 14.44 -11.51 2.27
CA ALA C 50 13.60 -10.31 2.27
C ALA C 50 14.31 -9.13 1.62
N GLY C 51 15.61 -8.99 1.85
CA GLY C 51 16.36 -7.92 1.21
C GLY C 51 16.33 -8.01 -0.30
N PHE C 52 16.53 -9.22 -0.85
CA PHE C 52 16.53 -9.39 -2.30
C PHE C 52 15.15 -9.09 -2.89
N ILE C 53 14.10 -9.64 -2.28
CA ILE C 53 12.75 -9.45 -2.81
C ILE C 53 12.37 -7.98 -2.83
N GLU C 54 12.65 -7.26 -1.74
CA GLU C 54 12.26 -5.87 -1.64
C GLU C 54 13.08 -5.00 -2.58
N ASP C 55 14.38 -5.29 -2.73
CA ASP C 55 15.20 -4.63 -3.74
C ASP C 55 14.62 -4.88 -5.14
N LEU C 56 14.14 -6.10 -5.38
CA LEU C 56 13.56 -6.44 -6.68
C LEU C 56 12.31 -5.62 -6.96
N THR C 57 11.35 -5.61 -6.03
CA THR C 57 10.11 -4.85 -6.24
C THR C 57 10.39 -3.36 -6.35
N HIS C 58 11.39 -2.86 -5.63
CA HIS C 58 11.77 -1.46 -5.75
C HIS C 58 12.22 -1.10 -7.16
N LYS C 59 12.94 -2.01 -7.83
CA LYS C 59 13.47 -1.69 -9.15
C LYS C 59 12.36 -1.48 -10.17
N THR C 60 11.21 -2.12 -9.96
CA THR C 60 10.06 -1.91 -10.84
C THR C 60 9.33 -0.61 -10.58
N GLY C 61 9.71 0.14 -9.53
CA GLY C 61 8.98 1.33 -9.17
C GLY C 61 7.68 1.10 -8.43
N ASN C 62 7.37 -0.15 -8.08
CA ASN C 62 6.13 -0.51 -7.38
C ASN C 62 6.52 -1.42 -6.22
N PHE C 63 7.03 -0.80 -5.15
CA PHE C 63 7.63 -1.53 -4.05
C PHE C 63 6.60 -2.38 -3.31
N LYS C 64 7.08 -3.51 -2.77
CA LYS C 64 6.28 -4.40 -1.94
C LYS C 64 7.12 -4.90 -0.78
N GLN C 65 6.52 -4.90 0.41
CA GLN C 65 7.15 -5.54 1.55
C GLN C 65 7.28 -7.04 1.29
N PHE C 66 8.30 -7.66 1.90
CA PHE C 66 8.57 -9.07 1.65
C PHE C 66 7.37 -9.94 1.96
N ASN C 67 6.69 -9.69 3.09
CA ASN C 67 5.57 -10.53 3.48
C ASN C 67 4.37 -10.36 2.55
N ILE C 68 4.16 -9.14 2.04
CA ILE C 68 3.07 -8.93 1.09
C ILE C 68 3.39 -9.61 -0.23
N PHE C 69 4.64 -9.50 -0.70
CA PHE C 69 5.03 -10.15 -1.94
C PHE C 69 4.78 -11.65 -1.88
N CYS C 70 5.16 -12.30 -0.78
CA CYS C 70 4.94 -13.74 -0.64
C CYS C 70 3.46 -14.08 -0.71
N HIS C 71 2.61 -13.24 -0.08
CA HIS C 71 1.17 -13.49 -0.11
C HIS C 71 0.61 -13.32 -1.51
N LEU C 73 2.23 -13.85 -4.20
CA LEU C 73 2.73 -15.00 -4.95
C LEU C 73 1.86 -16.24 -4.71
N GLU C 74 1.48 -16.47 -3.44
CA GLU C 74 0.63 -17.61 -3.14
C GLU C 74 -0.77 -17.44 -3.74
N SER C 75 -1.29 -16.21 -3.70
CA SER C 75 -2.60 -15.93 -4.27
C SER C 75 -2.60 -16.18 -5.77
N ALA C 76 -1.49 -15.83 -6.43
CA ALA C 76 -1.36 -16.13 -7.85
C ALA C 76 -1.35 -17.62 -8.12
N LEU C 77 -0.64 -18.40 -7.27
CA LEU C 77 -0.55 -19.84 -7.50
C LEU C 77 -1.90 -20.53 -7.32
N THR C 78 -2.63 -20.16 -6.28
CA THR C 78 -3.95 -20.74 -6.03
C THR C 78 -5.04 -20.07 -6.83
N GLN C 79 -4.71 -19.02 -7.59
CA GLN C 79 -5.67 -18.32 -8.44
C GLN C 79 -6.85 -17.82 -7.62
N SER C 80 -6.54 -17.33 -6.42
CA SER C 80 -7.54 -16.85 -5.47
C SER C 80 -7.56 -15.33 -5.39
N SER C 81 -6.96 -14.65 -6.36
CA SER C 81 -6.87 -13.19 -6.38
C SER C 81 -6.96 -12.72 -7.83
N GLU C 82 -7.70 -11.63 -8.04
CA GLU C 82 -8.02 -11.14 -9.37
C GLU C 82 -6.94 -10.24 -9.96
N SER C 83 -5.96 -9.82 -9.16
CA SER C 83 -4.97 -8.86 -9.62
C SER C 83 -3.59 -9.46 -9.87
N VAL C 84 -3.36 -10.72 -9.54
CA VAL C 84 -2.05 -11.34 -9.69
C VAL C 84 -2.17 -12.63 -10.46
N THR C 85 -1.24 -12.85 -11.39
CA THR C 85 -1.12 -14.08 -12.15
C THR C 85 0.36 -14.40 -12.32
N LEU C 86 0.63 -15.59 -12.87
CA LEU C 86 2.00 -16.07 -13.02
C LEU C 86 2.31 -16.35 -14.48
N ASP C 87 3.59 -16.23 -14.83
CA ASP C 87 4.07 -16.68 -16.13
C ASP C 87 5.50 -17.17 -15.96
N LEU C 88 5.94 -18.04 -16.88
CA LEU C 88 7.28 -18.62 -16.83
C LEU C 88 7.99 -18.37 -18.16
N LEU C 89 9.04 -17.57 -18.12
CA LEU C 89 9.76 -17.13 -19.31
C LEU C 89 11.16 -17.73 -19.38
N THR C 90 11.62 -17.95 -20.61
CA THR C 90 13.03 -18.22 -20.82
C THR C 90 13.74 -16.88 -21.04
N TYR C 91 15.06 -16.91 -21.15
CA TYR C 91 15.78 -15.65 -21.33
C TYR C 91 15.41 -14.97 -22.65
N THR C 92 15.15 -15.75 -23.70
CA THR C 92 14.71 -15.16 -24.96
C THR C 92 13.37 -14.44 -24.78
N ASP C 93 12.45 -15.06 -24.05
CA ASP C 93 11.13 -14.46 -23.85
C ASP C 93 11.21 -13.21 -22.99
N LEU C 94 12.16 -13.23 -22.05
CA LEU C 94 12.39 -12.11 -21.08
C LEU C 94 12.88 -10.85 -21.78
N GLU C 95 13.78 -11.01 -22.76
CA GLU C 95 14.34 -9.82 -23.44
C GLU C 95 13.29 -9.27 -24.40
N SER C 96 12.43 -10.12 -24.97
CA SER C 96 11.37 -9.57 -25.84
C SER C 96 10.46 -8.67 -25.02
N LEU C 97 10.10 -9.11 -23.81
CA LEU C 97 9.31 -8.29 -22.87
C LEU C 97 10.17 -7.07 -22.50
N ARG C 98 11.46 -7.29 -22.24
CA ARG C 98 12.38 -6.19 -21.84
C ARG C 98 12.50 -5.17 -22.98
N ASN C 99 12.53 -5.66 -24.22
CA ASN C 99 12.67 -4.83 -25.45
C ASN C 99 12.44 -5.73 -26.67
N SER C 113 18.50 -14.33 -26.46
CA SER C 113 19.30 -14.15 -27.70
C SER C 113 20.34 -15.28 -27.81
N ALA C 114 21.55 -14.93 -28.24
CA ALA C 114 22.62 -15.91 -28.34
C ALA C 114 23.29 -16.17 -26.99
N GLN C 115 22.95 -15.41 -25.95
CA GLN C 115 23.51 -15.63 -24.62
C GLN C 115 23.11 -17.00 -24.10
N LEU C 116 24.08 -17.69 -23.49
CA LEU C 116 23.84 -19.02 -22.93
C LEU C 116 23.27 -18.86 -21.52
N ASN C 117 22.09 -19.43 -21.30
CA ASN C 117 21.28 -19.11 -20.13
C ASN C 117 20.17 -20.14 -20.05
N SER C 118 20.30 -21.09 -19.12
CA SER C 118 19.31 -22.15 -18.92
C SER C 118 18.30 -21.79 -17.85
N LYS C 119 18.41 -20.60 -17.26
CA LYS C 119 17.51 -20.19 -16.18
C LYS C 119 16.11 -19.96 -16.71
N ARG C 120 15.14 -20.07 -15.81
CA ARG C 120 13.77 -19.66 -16.07
C ARG C 120 13.43 -18.51 -15.14
N TYR C 121 12.45 -17.71 -15.55
CA TYR C 121 12.04 -16.53 -14.78
C TYR C 121 10.55 -16.63 -14.54
N LEU C 122 10.18 -16.85 -13.28
CA LEU C 122 8.78 -16.83 -12.88
C LEU C 122 8.36 -15.38 -12.75
N ILE C 123 7.37 -14.96 -13.52
CA ILE C 123 6.92 -13.58 -13.54
C ILE C 123 5.64 -13.50 -12.71
N LEU C 124 5.69 -12.71 -11.64
CA LEU C 124 4.49 -12.37 -10.89
C LEU C 124 3.93 -11.10 -11.52
N ILE C 125 2.75 -11.21 -12.12
CA ILE C 125 2.15 -10.12 -12.88
C ILE C 125 1.07 -9.49 -12.02
N TYR C 126 1.28 -8.23 -11.64
CA TYR C 126 0.39 -7.48 -10.77
C TYR C 126 -0.36 -6.46 -11.63
N SER C 127 -1.65 -6.68 -11.84
CA SER C 127 -2.45 -5.87 -12.74
C SER C 127 -3.58 -5.22 -11.95
N VAL C 128 -3.50 -3.90 -11.77
CA VAL C 128 -4.53 -3.12 -11.12
C VAL C 128 -4.89 -1.95 -12.03
N GLU C 129 -5.79 -1.09 -11.55
CA GLU C 129 -6.42 -0.09 -12.42
C GLU C 129 -5.39 0.83 -13.06
N PHE C 130 -4.38 1.28 -12.31
CA PHE C 130 -3.40 2.21 -12.83
C PHE C 130 -1.98 1.65 -12.80
N ASP C 131 -1.84 0.32 -12.78
CA ASP C 131 -0.51 -0.29 -12.79
C ASP C 131 -0.55 -1.62 -13.51
N ARG C 132 0.53 -1.91 -14.23
CA ARG C 132 0.83 -3.26 -14.72
C ARG C 132 2.30 -3.50 -14.42
N ILE C 133 2.57 -4.39 -13.45
CA ILE C 133 3.93 -4.62 -12.97
C ILE C 133 4.28 -6.09 -13.15
N HIS C 134 5.51 -6.34 -13.60
CA HIS C 134 6.06 -7.68 -13.73
C HIS C 134 7.22 -7.82 -12.76
N TYR C 135 7.08 -8.73 -11.81
CA TYR C 135 8.15 -9.00 -10.86
C TYR C 135 8.89 -10.25 -11.30
N PRO C 136 10.10 -10.14 -11.83
CA PRO C 136 10.79 -11.33 -12.34
C PRO C 136 11.64 -12.03 -11.30
N LEU C 137 11.43 -13.32 -11.14
CA LEU C 137 12.24 -14.11 -10.21
C LEU C 137 13.12 -15.07 -10.99
N PRO C 138 14.44 -14.91 -10.97
CA PRO C 138 15.31 -15.82 -11.72
C PRO C 138 15.49 -17.13 -10.97
N LEU C 139 15.27 -18.25 -11.66
CA LEU C 139 15.38 -19.58 -11.09
C LEU C 139 16.47 -20.36 -11.83
N PRO C 140 17.67 -20.49 -11.26
CA PRO C 140 18.72 -21.28 -11.91
C PRO C 140 18.28 -22.70 -12.18
N TYR C 141 18.80 -23.25 -13.29
CA TYR C 141 18.49 -24.62 -13.69
C TYR C 141 19.14 -25.62 -12.74
N GLN C 142 18.37 -26.65 -12.37
CA GLN C 142 18.82 -27.67 -11.43
C GLN C 142 19.04 -29.03 -12.10
N GLY C 143 19.11 -29.06 -13.43
CA GLY C 143 19.20 -30.33 -14.12
C GLY C 143 17.86 -31.05 -14.15
N LYS C 144 17.91 -32.38 -14.13
CA LYS C 144 16.72 -33.24 -14.09
C LYS C 144 16.82 -34.16 -12.89
N PRO C 145 16.56 -33.65 -11.67
CA PRO C 145 16.60 -34.51 -10.48
C PRO C 145 15.50 -35.57 -10.49
#